data_7NXT
#
_entry.id   7NXT
#
_cell.length_a   82.474
_cell.length_b   112.448
_cell.length_c   62.434
_cell.angle_alpha   90.000
_cell.angle_beta   90.000
_cell.angle_gamma   90.000
#
_symmetry.space_group_name_H-M   'C 2 2 21'
#
loop_
_entity.id
_entity.type
_entity.pdbx_description
1 polymer '14-3-3 protein sigma'
2 polymer 'Transcription factor p65'
3 non-polymer 4-(2,3-dihydro-1,4-benzoxazin-4-ylsulfonyl)benzaldehyde
4 non-polymer 'CHLORIDE ION'
5 non-polymer 'MAGNESIUM ION'
6 non-polymer DI(HYDROXYETHYL)ETHER
7 water water
#
loop_
_entity_poly.entity_id
_entity_poly.type
_entity_poly.pdbx_seq_one_letter_code
_entity_poly.pdbx_strand_id
1 'polypeptide(L)'
;GAMGSMERASLIQKAKLAEQAERYEDMAAFMKGAVEKGEELS(CSO)EERNLLSVAYKNVVGGQRAAWRVLSSIEQKSNE
EGSEEKGPEVREYREKVETELQGVCDTVLGLLDSHLIKEAGDAESRVFYLKMKGDYYRYLAEVATGDDKKRIIDSARSAY
QEAMDISKKEMPPTNPIRLGLALNFSVFHYEIANSPEEAISLAKTTFDEAMADLHTLSEDSYKDSTLIMQLLRDNLTLWT
;
A
2 'polypeptide(L)' EGRSAG(SEP)IPGRRS P
#
loop_
_chem_comp.id
_chem_comp.type
_chem_comp.name
_chem_comp.formula
CL non-polymer 'CHLORIDE ION' 'Cl -1'
MG non-polymer 'MAGNESIUM ION' 'Mg 2'
PEG non-polymer DI(HYDROXYETHYL)ETHER 'C4 H10 O3'
UVE non-polymer 4-(2,3-dihydro-1,4-benzoxazin-4-ylsulfonyl)benzaldehyde 'C15 H13 N O4 S'
#
# COMPACT_ATOMS: atom_id res chain seq x y z
N MET A 3 -5.24 19.80 -12.09
CA MET A 3 -6.29 20.08 -11.11
C MET A 3 -5.99 21.39 -10.38
N GLY A 4 -5.01 22.12 -10.89
CA GLY A 4 -4.54 23.31 -10.21
C GLY A 4 -5.61 24.38 -10.02
N SER A 5 -6.62 24.42 -10.88
N SER A 5 -6.62 24.40 -10.89
CA SER A 5 -7.65 25.44 -10.78
CA SER A 5 -7.67 25.43 -10.81
C SER A 5 -8.84 25.01 -9.92
C SER A 5 -8.84 25.01 -9.94
N MET A 6 -8.89 23.78 -9.44
CA MET A 6 -10.00 23.33 -8.62
C MET A 6 -9.66 23.45 -7.14
N GLU A 7 -10.64 23.90 -6.37
CA GLU A 7 -10.48 24.04 -4.92
C GLU A 7 -10.12 22.70 -4.28
N ARG A 8 -9.27 22.76 -3.24
CA ARG A 8 -8.94 21.55 -2.49
C ARG A 8 -10.20 20.82 -2.01
N ALA A 9 -11.16 21.55 -1.44
CA ALA A 9 -12.32 20.89 -0.89
C ALA A 9 -13.15 20.22 -1.97
N SER A 10 -13.19 20.83 -3.16
CA SER A 10 -13.92 20.24 -4.28
C SER A 10 -13.23 18.97 -4.79
N LEU A 11 -11.90 18.97 -4.80
CA LEU A 11 -11.16 17.76 -5.18
C LEU A 11 -11.45 16.62 -4.23
N ILE A 12 -11.47 16.91 -2.92
N ILE A 12 -11.48 16.91 -2.93
CA ILE A 12 -11.77 15.88 -1.92
CA ILE A 12 -11.76 15.86 -1.94
C ILE A 12 -13.19 15.37 -2.11
C ILE A 12 -13.19 15.36 -2.09
N GLN A 13 -14.14 16.29 -2.30
CA GLN A 13 -15.53 15.89 -2.51
C GLN A 13 -15.66 15.01 -3.75
N LYS A 14 -15.00 15.39 -4.83
CA LYS A 14 -15.09 14.61 -6.06
C LYS A 14 -14.37 13.26 -5.94
N ALA A 15 -13.30 13.18 -5.13
CA ALA A 15 -12.68 11.88 -4.89
C ALA A 15 -13.66 10.94 -4.22
N LYS A 16 -14.43 11.45 -3.25
CA LYS A 16 -15.43 10.62 -2.59
C LYS A 16 -16.51 10.17 -3.55
N LEU A 17 -16.96 11.07 -4.42
CA LEU A 17 -17.94 10.69 -5.45
C LEU A 17 -17.37 9.65 -6.41
N ALA A 18 -16.12 9.86 -6.83
CA ALA A 18 -15.49 8.92 -7.74
C ALA A 18 -15.42 7.53 -7.13
N GLU A 19 -15.11 7.44 -5.84
CA GLU A 19 -15.11 6.12 -5.20
C GLU A 19 -16.48 5.48 -5.27
N GLN A 20 -17.53 6.25 -4.96
CA GLN A 20 -18.89 5.72 -4.98
C GLN A 20 -19.27 5.24 -6.38
N ALA A 21 -18.78 5.92 -7.41
CA ALA A 21 -19.03 5.57 -8.81
C ALA A 21 -18.04 4.54 -9.35
N GLU A 22 -17.11 4.08 -8.51
CA GLU A 22 -16.09 3.11 -8.92
C GLU A 22 -15.24 3.60 -10.09
N ARG A 23 -14.93 4.89 -10.07
CA ARG A 23 -14.08 5.57 -11.05
C ARG A 23 -12.76 5.86 -10.37
N TYR A 24 -11.93 4.82 -10.23
CA TYR A 24 -10.74 4.94 -9.41
C TYR A 24 -9.63 5.75 -10.08
N GLU A 25 -9.53 5.72 -11.41
CA GLU A 25 -8.57 6.59 -12.07
C GLU A 25 -8.89 8.05 -11.81
N ASP A 26 -10.17 8.43 -11.93
CA ASP A 26 -10.58 9.78 -11.56
C ASP A 26 -10.24 10.07 -10.11
N MET A 27 -10.59 9.14 -9.23
CA MET A 27 -10.30 9.29 -7.80
C MET A 27 -8.86 9.62 -7.54
N ALA A 28 -7.97 8.87 -8.18
CA ALA A 28 -6.54 9.10 -8.00
C ALA A 28 -6.13 10.46 -8.52
N ALA A 29 -6.67 10.87 -9.67
CA ALA A 29 -6.33 12.19 -10.20
C ALA A 29 -6.81 13.30 -9.28
N PHE A 30 -8.01 13.17 -8.71
CA PHE A 30 -8.50 14.17 -7.77
C PHE A 30 -7.60 14.22 -6.53
N MET A 31 -7.21 13.04 -6.00
CA MET A 31 -6.37 13.04 -4.81
C MET A 31 -4.96 13.53 -5.09
N LYS A 32 -4.40 13.23 -6.25
CA LYS A 32 -3.12 13.83 -6.63
C LYS A 32 -3.23 15.36 -6.62
N GLY A 33 -4.32 15.89 -7.20
CA GLY A 33 -4.53 17.33 -7.17
C GLY A 33 -4.62 17.85 -5.76
N ALA A 34 -5.32 17.14 -4.88
CA ALA A 34 -5.43 17.58 -3.48
C ALA A 34 -4.07 17.60 -2.80
N VAL A 35 -3.28 16.54 -2.98
CA VAL A 35 -1.94 16.54 -2.38
C VAL A 35 -1.14 17.72 -2.89
N GLU A 36 -1.23 18.00 -4.18
CA GLU A 36 -0.42 19.06 -4.78
C GLU A 36 -0.83 20.45 -4.30
N LYS A 37 -1.94 20.59 -3.57
CA LYS A 37 -2.23 21.87 -2.95
C LYS A 37 -1.20 22.22 -1.88
N GLY A 38 -0.47 21.23 -1.36
CA GLY A 38 0.65 21.50 -0.49
C GLY A 38 0.35 21.39 0.99
N GLU A 39 -0.91 21.27 1.38
CA GLU A 39 -1.31 21.10 2.77
C GLU A 39 -1.22 19.62 3.16
N GLU A 40 -1.01 19.39 4.46
CA GLU A 40 -1.05 18.04 4.99
C GLU A 40 -2.45 17.43 4.79
N LEU A 41 -2.53 16.10 4.85
CA LEU A 41 -3.78 15.38 4.69
C LEU A 41 -4.26 14.89 6.04
N SER A 42 -5.56 14.95 6.26
CA SER A 42 -6.17 14.35 7.43
C SER A 42 -6.20 12.81 7.29
N CSO A 43 -6.63 12.13 8.35
N CSO A 43 -6.60 12.14 8.36
CA CSO A 43 -6.67 10.67 8.31
CA CSO A 43 -6.70 10.69 8.35
CB CSO A 43 -7.01 10.10 9.70
CB CSO A 43 -7.28 10.27 9.71
SG CSO A 43 -7.42 8.32 9.62
SG CSO A 43 -7.48 8.50 9.89
C CSO A 43 -7.64 10.17 7.23
C CSO A 43 -7.61 10.22 7.20
O CSO A 43 -7.33 9.22 6.52
O CSO A 43 -7.26 9.32 6.43
OD CSO A 43 -5.93 7.35 9.65
OD CSO A 43 -9.10 8.06 9.20
N GLU A 44 -8.78 10.83 7.10
CA GLU A 44 -9.74 10.43 6.07
C GLU A 44 -9.17 10.68 4.66
N GLU A 45 -8.48 11.81 4.50
CA GLU A 45 -7.90 12.14 3.21
C GLU A 45 -6.76 11.19 2.84
N ARG A 46 -5.96 10.76 3.83
CA ARG A 46 -4.92 9.77 3.57
C ARG A 46 -5.54 8.48 3.07
N ASN A 47 -6.66 8.06 3.67
CA ASN A 47 -7.33 6.87 3.18
C ASN A 47 -7.84 7.06 1.76
N LEU A 48 -8.41 8.23 1.42
CA LEU A 48 -8.83 8.43 0.03
C LEU A 48 -7.67 8.28 -0.94
N LEU A 49 -6.52 8.87 -0.60
CA LEU A 49 -5.34 8.76 -1.47
C LEU A 49 -4.94 7.31 -1.66
N SER A 50 -4.85 6.56 -0.55
CA SER A 50 -4.43 5.17 -0.63
C SER A 50 -5.44 4.31 -1.39
N VAL A 51 -6.72 4.47 -1.09
CA VAL A 51 -7.74 3.67 -1.78
C VAL A 51 -7.63 3.87 -3.28
N ALA A 52 -7.49 5.13 -3.70
CA ALA A 52 -7.51 5.44 -5.13
C ALA A 52 -6.37 4.74 -5.84
N TYR A 53 -5.15 4.95 -5.36
CA TYR A 53 -3.99 4.40 -6.07
C TYR A 53 -3.88 2.90 -5.87
N LYS A 54 -4.29 2.38 -4.72
CA LYS A 54 -4.23 0.94 -4.52
C LYS A 54 -5.13 0.23 -5.52
N ASN A 55 -6.29 0.83 -5.84
N ASN A 55 -6.32 0.80 -5.78
CA ASN A 55 -7.21 0.23 -6.78
CA ASN A 55 -7.19 0.22 -6.78
C ASN A 55 -6.69 0.36 -8.21
C ASN A 55 -6.59 0.31 -8.18
N VAL A 56 -6.12 1.51 -8.56
CA VAL A 56 -5.56 1.68 -9.91
C VAL A 56 -4.42 0.68 -10.13
N VAL A 57 -3.45 0.69 -9.22
N VAL A 57 -3.44 0.68 -9.22
CA VAL A 57 -2.30 -0.19 -9.42
CA VAL A 57 -2.30 -0.20 -9.42
C VAL A 57 -2.70 -1.65 -9.25
C VAL A 57 -2.72 -1.65 -9.26
N GLY A 58 -3.70 -1.94 -8.41
CA GLY A 58 -4.17 -3.31 -8.27
C GLY A 58 -4.70 -3.86 -9.58
N GLY A 59 -5.45 -3.06 -10.33
CA GLY A 59 -5.90 -3.51 -11.64
C GLY A 59 -4.77 -3.68 -12.63
N GLN A 60 -3.78 -2.81 -12.58
CA GLN A 60 -2.64 -2.96 -13.47
C GLN A 60 -1.86 -4.22 -13.14
N ARG A 61 -1.67 -4.50 -11.85
CA ARG A 61 -0.97 -5.71 -11.43
C ARG A 61 -1.72 -6.95 -11.91
N ALA A 62 -3.03 -6.97 -11.76
CA ALA A 62 -3.78 -8.13 -12.22
C ALA A 62 -3.62 -8.32 -13.72
N ALA A 63 -3.64 -7.23 -14.49
CA ALA A 63 -3.49 -7.35 -15.94
C ALA A 63 -2.08 -7.80 -16.31
N TRP A 64 -1.07 -7.24 -15.63
CA TRP A 64 0.30 -7.64 -15.88
C TRP A 64 0.49 -9.13 -15.60
N ARG A 65 -0.16 -9.64 -14.56
CA ARG A 65 -0.01 -11.06 -14.24
C ARG A 65 -0.65 -11.93 -15.31
N VAL A 66 -1.82 -11.54 -15.82
CA VAL A 66 -2.45 -12.27 -16.91
C VAL A 66 -1.52 -12.30 -18.12
N LEU A 67 -0.99 -11.15 -18.51
CA LEU A 67 -0.14 -11.06 -19.69
C LEU A 67 1.18 -11.80 -19.50
N SER A 68 1.78 -11.69 -18.30
N SER A 68 1.80 -11.67 -18.32
CA SER A 68 3.04 -12.37 -18.02
CA SER A 68 3.05 -12.39 -18.07
C SER A 68 2.87 -13.87 -18.10
C SER A 68 2.84 -13.89 -18.15
N SER A 69 1.72 -14.39 -17.66
CA SER A 69 1.44 -15.81 -17.75
C SER A 69 1.35 -16.25 -19.21
N ILE A 70 0.61 -15.49 -20.02
CA ILE A 70 0.52 -15.81 -21.45
C ILE A 70 1.90 -15.77 -22.08
N GLU A 71 2.69 -14.74 -21.75
CA GLU A 71 4.03 -14.61 -22.32
C GLU A 71 4.90 -15.81 -21.94
N GLN A 72 4.85 -16.23 -20.68
CA GLN A 72 5.65 -17.37 -20.24
C GLN A 72 5.24 -18.65 -20.96
N LYS A 73 3.93 -18.87 -21.12
CA LYS A 73 3.44 -20.02 -21.86
C LYS A 73 3.87 -19.93 -23.32
N GLY A 83 4.90 -14.19 -32.31
CA GLY A 83 5.23 -12.81 -32.62
C GLY A 83 5.54 -11.99 -31.38
N PRO A 84 5.91 -10.72 -31.58
CA PRO A 84 6.29 -9.87 -30.45
C PRO A 84 5.11 -9.28 -29.68
N GLU A 85 3.86 -9.56 -30.06
CA GLU A 85 2.73 -8.78 -29.55
C GLU A 85 2.52 -8.98 -28.04
N VAL A 86 2.62 -10.20 -27.55
CA VAL A 86 2.38 -10.44 -26.12
C VAL A 86 3.41 -9.70 -25.28
N ARG A 87 4.69 -9.84 -25.65
CA ARG A 87 5.73 -9.12 -24.93
C ARG A 87 5.53 -7.61 -25.03
N GLU A 88 5.21 -7.11 -26.23
CA GLU A 88 5.02 -5.68 -26.40
C GLU A 88 3.90 -5.18 -25.51
N TYR A 89 2.80 -5.94 -25.45
CA TYR A 89 1.66 -5.46 -24.67
C TYR A 89 1.91 -5.59 -23.17
N ARG A 90 2.55 -6.68 -22.74
CA ARG A 90 2.98 -6.78 -21.34
C ARG A 90 3.87 -5.61 -20.97
N GLU A 91 4.81 -5.25 -21.86
CA GLU A 91 5.69 -4.11 -21.62
C GLU A 91 4.92 -2.82 -21.52
N LYS A 92 3.89 -2.64 -22.34
CA LYS A 92 3.08 -1.43 -22.28
C LYS A 92 2.38 -1.32 -20.92
N VAL A 93 1.75 -2.40 -20.49
CA VAL A 93 1.07 -2.40 -19.19
C VAL A 93 2.09 -2.18 -18.07
N GLU A 94 3.26 -2.81 -18.17
CA GLU A 94 4.31 -2.65 -17.18
C GLU A 94 4.78 -1.20 -17.06
N THR A 95 4.97 -0.53 -18.19
CA THR A 95 5.41 0.86 -18.17
C THR A 95 4.35 1.76 -17.53
N GLU A 96 3.07 1.48 -17.80
N GLU A 96 3.08 1.50 -17.84
CA GLU A 96 2.02 2.28 -17.21
CA GLU A 96 2.01 2.26 -17.22
C GLU A 96 1.94 2.06 -15.70
C GLU A 96 2.01 2.06 -15.71
N LEU A 97 2.12 0.81 -15.27
CA LEU A 97 2.18 0.49 -13.85
C LEU A 97 3.34 1.21 -13.17
N GLN A 98 4.53 1.14 -13.79
CA GLN A 98 5.68 1.83 -13.22
C GLN A 98 5.43 3.33 -13.13
N GLY A 99 4.76 3.89 -14.13
CA GLY A 99 4.46 5.31 -14.09
C GLY A 99 3.55 5.70 -12.93
N VAL A 100 2.54 4.89 -12.66
CA VAL A 100 1.67 5.18 -11.53
C VAL A 100 2.45 5.06 -10.21
N CYS A 101 3.24 4.00 -10.05
CA CYS A 101 4.05 3.85 -8.85
C CYS A 101 4.98 5.05 -8.67
N ASP A 102 5.65 5.47 -9.76
CA ASP A 102 6.53 6.64 -9.68
C ASP A 102 5.76 7.89 -9.27
N THR A 103 4.52 8.02 -9.75
CA THR A 103 3.72 9.19 -9.37
C THR A 103 3.42 9.18 -7.88
N VAL A 104 3.01 8.03 -7.35
CA VAL A 104 2.70 7.93 -5.92
C VAL A 104 3.95 8.20 -5.09
N LEU A 105 5.06 7.54 -5.46
CA LEU A 105 6.31 7.77 -4.74
C LEU A 105 6.70 9.24 -4.79
N GLY A 106 6.45 9.89 -5.93
CA GLY A 106 6.76 11.31 -6.04
C GLY A 106 5.93 12.17 -5.09
N LEU A 107 4.64 11.84 -4.92
CA LEU A 107 3.80 12.58 -3.98
C LEU A 107 4.31 12.36 -2.55
N LEU A 108 4.70 11.12 -2.23
CA LEU A 108 5.20 10.86 -0.89
C LEU A 108 6.50 11.61 -0.63
N ASP A 109 7.35 11.72 -1.64
CA ASP A 109 8.63 12.42 -1.51
C ASP A 109 8.50 13.93 -1.63
N SER A 110 7.37 14.44 -2.16
CA SER A 110 7.23 15.87 -2.40
C SER A 110 5.78 16.27 -2.09
N HIS A 111 5.44 16.45 -0.81
CA HIS A 111 6.35 16.41 0.34
C HIS A 111 5.65 15.78 1.53
N LEU A 112 4.86 14.73 1.28
CA LEU A 112 4.01 14.18 2.33
C LEU A 112 4.82 13.63 3.49
N ILE A 113 5.84 12.82 3.21
CA ILE A 113 6.59 12.21 4.30
C ILE A 113 7.32 13.26 5.13
N LYS A 114 7.98 14.21 4.47
CA LYS A 114 8.81 15.12 5.25
C LYS A 114 7.98 16.02 6.16
N GLU A 115 6.72 16.27 5.83
CA GLU A 115 5.88 17.07 6.68
C GLU A 115 5.10 16.26 7.71
N ALA A 116 5.21 14.93 7.67
CA ALA A 116 4.42 14.07 8.56
C ALA A 116 5.19 13.82 9.85
N GLY A 117 4.72 14.41 10.95
CA GLY A 117 5.40 14.32 12.23
C GLY A 117 4.70 13.39 13.19
N ASP A 118 3.38 13.27 13.09
CA ASP A 118 2.69 12.37 13.99
C ASP A 118 2.91 10.94 13.55
N ALA A 119 2.97 10.05 14.53
CA ALA A 119 3.28 8.66 14.22
C ALA A 119 2.27 8.09 13.23
N GLU A 120 0.98 8.41 13.40
CA GLU A 120 -0.03 7.82 12.53
C GLU A 120 0.20 8.22 11.08
N SER A 121 0.47 9.50 10.82
CA SER A 121 0.65 9.93 9.44
C SER A 121 1.95 9.40 8.88
N ARG A 122 3.04 9.50 9.64
CA ARG A 122 4.35 9.09 9.12
C ARG A 122 4.38 7.60 8.81
N VAL A 123 3.85 6.77 9.73
CA VAL A 123 3.78 5.33 9.47
C VAL A 123 2.92 5.05 8.24
N PHE A 124 1.76 5.71 8.13
CA PHE A 124 0.90 5.49 6.97
C PHE A 124 1.65 5.73 5.67
N TYR A 125 2.36 6.87 5.58
CA TYR A 125 3.04 7.20 4.34
C TYR A 125 4.23 6.28 4.07
N LEU A 126 4.98 5.90 5.10
CA LEU A 126 6.11 5.01 4.89
C LEU A 126 5.64 3.61 4.49
N LYS A 127 4.50 3.16 5.04
CA LYS A 127 3.88 1.92 4.57
C LYS A 127 3.53 2.02 3.09
N MET A 128 2.91 3.13 2.67
CA MET A 128 2.66 3.33 1.25
C MET A 128 3.94 3.28 0.45
N LYS A 129 4.99 3.96 0.91
CA LYS A 129 6.25 3.95 0.18
C LYS A 129 6.77 2.53 -0.01
N GLY A 130 6.72 1.74 1.07
CA GLY A 130 7.11 0.34 0.93
C GLY A 130 6.27 -0.41 -0.08
N ASP A 131 4.96 -0.18 -0.05
CA ASP A 131 4.04 -0.87 -0.97
C ASP A 131 4.37 -0.54 -2.42
N TYR A 132 4.59 0.76 -2.74
CA TYR A 132 4.79 1.09 -4.16
C TYR A 132 6.15 0.66 -4.66
N TYR A 133 7.18 0.65 -3.80
CA TYR A 133 8.43 -0.01 -4.19
C TYR A 133 8.23 -1.52 -4.34
N ARG A 134 7.39 -2.13 -3.50
CA ARG A 134 7.12 -3.55 -3.66
C ARG A 134 6.45 -3.83 -5.01
N TYR A 135 5.47 -3.00 -5.41
CA TYR A 135 4.85 -3.18 -6.73
C TYR A 135 5.88 -3.00 -7.85
N LEU A 136 6.80 -2.04 -7.72
CA LEU A 136 7.86 -1.93 -8.69
C LEU A 136 8.73 -3.18 -8.71
N ALA A 137 9.01 -3.76 -7.52
CA ALA A 137 9.85 -4.95 -7.43
C ALA A 137 9.19 -6.15 -8.10
N GLU A 138 7.86 -6.22 -8.07
CA GLU A 138 7.16 -7.36 -8.68
C GLU A 138 7.46 -7.48 -10.17
N VAL A 139 7.74 -6.37 -10.85
CA VAL A 139 7.96 -6.37 -12.30
C VAL A 139 9.41 -6.10 -12.66
N ALA A 140 10.28 -5.91 -11.68
CA ALA A 140 11.66 -5.54 -11.95
C ALA A 140 12.50 -6.74 -12.32
N THR A 141 13.43 -6.53 -13.27
CA THR A 141 14.33 -7.57 -13.76
C THR A 141 15.72 -7.04 -14.09
N GLY A 142 15.97 -5.74 -14.01
CA GLY A 142 17.19 -5.15 -14.51
C GLY A 142 18.22 -4.86 -13.43
N ASP A 143 19.14 -3.95 -13.75
CA ASP A 143 20.28 -3.68 -12.87
C ASP A 143 19.87 -3.00 -11.57
N ASP A 144 18.69 -2.40 -11.51
CA ASP A 144 18.24 -1.70 -10.31
C ASP A 144 17.29 -2.53 -9.45
N LYS A 145 17.07 -3.80 -9.80
CA LYS A 145 16.07 -4.60 -9.10
C LYS A 145 16.43 -4.78 -7.62
N LYS A 146 17.70 -5.03 -7.33
CA LYS A 146 18.10 -5.17 -5.94
C LYS A 146 17.89 -3.88 -5.19
N ARG A 147 18.18 -2.74 -5.82
CA ARG A 147 17.99 -1.45 -5.17
C ARG A 147 16.51 -1.18 -4.94
N ILE A 148 15.63 -1.60 -5.86
CA ILE A 148 14.19 -1.42 -5.66
C ILE A 148 13.72 -2.21 -4.43
N ILE A 149 14.14 -3.46 -4.34
CA ILE A 149 13.80 -4.28 -3.18
C ILE A 149 14.31 -3.63 -1.91
N ASP A 150 15.53 -3.12 -1.92
CA ASP A 150 16.05 -2.52 -0.70
C ASP A 150 15.32 -1.24 -0.35
N SER A 151 14.85 -0.49 -1.34
CA SER A 151 14.06 0.70 -1.06
C SER A 151 12.76 0.35 -0.38
N ALA A 152 12.10 -0.72 -0.83
CA ALA A 152 10.88 -1.18 -0.15
C ALA A 152 11.19 -1.58 1.29
N ARG A 153 12.23 -2.39 1.46
N ARG A 153 12.22 -2.40 1.46
CA ARG A 153 12.58 -2.87 2.79
CA ARG A 153 12.61 -2.87 2.79
C ARG A 153 12.88 -1.71 3.74
C ARG A 153 12.86 -1.71 3.73
N SER A 154 13.64 -0.72 3.27
CA SER A 154 14.01 0.41 4.11
C SER A 154 12.80 1.22 4.56
N ALA A 155 11.85 1.45 3.65
CA ALA A 155 10.64 2.18 4.01
C ALA A 155 9.81 1.41 5.02
N TYR A 156 9.58 0.12 4.75
CA TYR A 156 8.83 -0.69 5.71
C TYR A 156 9.52 -0.73 7.06
N GLN A 157 10.86 -0.84 7.07
CA GLN A 157 11.59 -0.95 8.33
C GLN A 157 11.46 0.32 9.16
N GLU A 158 11.60 1.48 8.52
CA GLU A 158 11.41 2.73 9.27
C GLU A 158 10.00 2.81 9.83
N ALA A 159 9.00 2.43 9.04
CA ALA A 159 7.62 2.43 9.52
C ALA A 159 7.46 1.48 10.71
N MET A 160 8.09 0.31 10.63
CA MET A 160 7.99 -0.66 11.72
C MET A 160 8.60 -0.10 12.98
N ASP A 161 9.76 0.52 12.86
CA ASP A 161 10.45 1.05 14.03
C ASP A 161 9.58 2.10 14.73
N ILE A 162 8.98 3.02 13.96
CA ILE A 162 8.12 4.03 14.55
C ILE A 162 6.90 3.37 15.19
N SER A 163 6.27 2.43 14.47
CA SER A 163 5.03 1.85 14.95
C SER A 163 5.23 1.11 16.26
N LYS A 164 6.37 0.43 16.41
CA LYS A 164 6.61 -0.32 17.63
C LYS A 164 6.85 0.60 18.82
N LYS A 165 7.41 1.78 18.57
CA LYS A 165 7.65 2.75 19.65
C LYS A 165 6.40 3.55 20.01
N GLU A 166 5.54 3.85 19.04
CA GLU A 166 4.52 4.88 19.18
C GLU A 166 3.08 4.40 19.14
N MET A 167 2.81 3.17 18.75
CA MET A 167 1.45 2.68 18.58
C MET A 167 1.25 1.39 19.35
N PRO A 168 0.03 1.16 19.84
CA PRO A 168 -0.27 -0.10 20.50
C PRO A 168 -0.26 -1.24 19.49
N PRO A 169 -0.09 -2.48 19.94
CA PRO A 169 0.02 -3.60 18.99
C PRO A 169 -1.25 -3.90 18.26
N THR A 170 -2.40 -3.34 18.66
CA THR A 170 -3.65 -3.54 17.94
C THR A 170 -3.95 -2.40 16.97
N ASN A 171 -3.14 -1.36 16.92
CA ASN A 171 -3.46 -0.24 16.04
C ASN A 171 -3.60 -0.73 14.60
N PRO A 172 -4.69 -0.41 13.90
CA PRO A 172 -4.88 -0.98 12.57
C PRO A 172 -3.80 -0.62 11.55
N ILE A 173 -3.21 0.58 11.65
CA ILE A 173 -2.12 0.93 10.74
C ILE A 173 -0.89 0.07 11.04
N ARG A 174 -0.56 -0.09 12.31
CA ARG A 174 0.53 -0.98 12.69
C ARG A 174 0.29 -2.40 12.20
N LEU A 175 -0.94 -2.89 12.33
CA LEU A 175 -1.25 -4.25 11.90
C LEU A 175 -1.17 -4.37 10.38
N GLY A 176 -1.73 -3.41 9.64
CA GLY A 176 -1.67 -3.49 8.19
C GLY A 176 -0.25 -3.37 7.68
N LEU A 177 0.55 -2.53 8.32
CA LEU A 177 1.97 -2.44 7.96
C LEU A 177 2.66 -3.78 8.13
N ALA A 178 2.45 -4.43 9.28
CA ALA A 178 3.06 -5.74 9.50
C ALA A 178 2.57 -6.77 8.49
N LEU A 179 1.27 -6.75 8.20
CA LEU A 179 0.72 -7.63 7.17
C LEU A 179 1.46 -7.44 5.85
N ASN A 180 1.56 -6.19 5.38
CA ASN A 180 2.18 -5.93 4.09
C ASN A 180 3.67 -6.23 4.09
N PHE A 181 4.38 -5.89 5.19
CA PHE A 181 5.81 -6.21 5.25
C PHE A 181 6.02 -7.72 5.25
N SER A 182 5.10 -8.47 5.88
CA SER A 182 5.20 -9.92 5.83
C SER A 182 5.01 -10.43 4.41
N VAL A 183 4.08 -9.85 3.65
CA VAL A 183 3.93 -10.22 2.24
C VAL A 183 5.20 -9.90 1.47
N PHE A 184 5.80 -8.73 1.72
CA PHE A 184 7.10 -8.40 1.13
C PHE A 184 8.12 -9.49 1.40
N HIS A 185 8.26 -9.90 2.67
CA HIS A 185 9.24 -10.94 2.98
C HIS A 185 8.98 -12.22 2.20
N TYR A 186 7.72 -12.63 2.12
CA TYR A 186 7.38 -13.91 1.49
C TYR A 186 7.50 -13.84 -0.02
N GLU A 187 6.98 -12.78 -0.62
CA GLU A 187 6.78 -12.77 -2.07
C GLU A 187 7.90 -12.07 -2.82
N ILE A 188 8.63 -11.16 -2.17
CA ILE A 188 9.64 -10.34 -2.82
C ILE A 188 11.04 -10.73 -2.36
N ALA A 189 11.24 -10.80 -1.04
CA ALA A 189 12.57 -10.97 -0.46
C ALA A 189 12.98 -12.42 -0.32
N ASN A 190 12.17 -13.37 -0.74
CA ASN A 190 12.52 -14.79 -0.62
C ASN A 190 12.86 -15.17 0.83
N SER A 191 12.09 -14.63 1.78
CA SER A 191 12.32 -14.85 3.21
C SER A 191 11.04 -15.36 3.85
N PRO A 192 10.58 -16.56 3.46
CA PRO A 192 9.31 -17.05 4.01
C PRO A 192 9.34 -17.22 5.52
N GLU A 193 10.46 -17.64 6.11
CA GLU A 193 10.50 -17.79 7.56
C GLU A 193 10.33 -16.44 8.25
N GLU A 194 10.96 -15.38 7.73
CA GLU A 194 10.78 -14.04 8.29
C GLU A 194 9.32 -13.61 8.17
N ALA A 195 8.70 -13.89 7.03
CA ALA A 195 7.29 -13.56 6.82
C ALA A 195 6.40 -14.24 7.85
N ILE A 196 6.63 -15.54 8.07
CA ILE A 196 5.82 -16.30 9.02
C ILE A 196 6.06 -15.79 10.44
N SER A 197 7.32 -15.58 10.80
N SER A 197 7.31 -15.57 10.80
CA SER A 197 7.63 -15.08 12.13
CA SER A 197 7.61 -15.10 12.15
C SER A 197 6.97 -13.74 12.39
C SER A 197 6.99 -13.72 12.41
N LEU A 198 7.07 -12.82 11.43
CA LEU A 198 6.46 -11.50 11.61
C LEU A 198 4.94 -11.62 11.76
N ALA A 199 4.32 -12.42 10.90
CA ALA A 199 2.86 -12.52 10.99
C ALA A 199 2.43 -13.13 12.32
N LYS A 200 3.13 -14.17 12.78
CA LYS A 200 2.78 -14.83 14.05
C LYS A 200 2.97 -13.89 15.23
N THR A 201 4.13 -13.25 15.33
CA THR A 201 4.37 -12.37 16.46
C THR A 201 3.39 -11.20 16.46
N THR A 202 3.10 -10.65 15.29
CA THR A 202 2.12 -9.57 15.19
C THR A 202 0.75 -10.03 15.68
N PHE A 203 0.30 -11.19 15.20
CA PHE A 203 -1.00 -11.73 15.60
C PHE A 203 -1.05 -11.92 17.11
N ASP A 204 -0.01 -12.53 17.69
CA ASP A 204 -0.04 -12.87 19.10
C ASP A 204 0.01 -11.63 19.98
N GLU A 205 0.80 -10.64 19.60
CA GLU A 205 0.86 -9.41 20.39
C GLU A 205 -0.43 -8.61 20.27
N ALA A 206 -1.10 -8.65 19.13
CA ALA A 206 -2.41 -8.01 19.01
C ALA A 206 -3.44 -8.74 19.88
N MET A 207 -3.47 -10.06 19.81
CA MET A 207 -4.42 -10.83 20.62
C MET A 207 -4.36 -10.42 22.08
N ALA A 208 -3.15 -10.27 22.62
CA ALA A 208 -2.95 -9.97 24.02
C ALA A 208 -3.35 -8.55 24.40
N ASP A 209 -3.59 -7.67 23.42
CA ASP A 209 -3.99 -6.30 23.66
C ASP A 209 -5.46 -6.05 23.35
N LEU A 210 -6.20 -7.05 22.84
CA LEU A 210 -7.60 -6.83 22.47
C LEU A 210 -8.45 -6.43 23.66
N HIS A 211 -8.08 -6.87 24.87
CA HIS A 211 -8.88 -6.59 26.06
C HIS A 211 -9.01 -5.10 26.35
N THR A 212 -8.12 -4.29 25.79
CA THR A 212 -8.16 -2.84 26.05
C THR A 212 -9.11 -2.09 25.14
N LEU A 213 -9.70 -2.74 24.15
CA LEU A 213 -10.37 -2.06 23.05
C LEU A 213 -11.88 -2.01 23.23
N SER A 214 -12.48 -0.97 22.67
CA SER A 214 -13.91 -0.87 22.49
C SER A 214 -14.39 -1.87 21.42
N GLU A 215 -15.71 -2.01 21.33
CA GLU A 215 -16.29 -2.94 20.36
C GLU A 215 -15.87 -2.60 18.94
N ASP A 216 -15.91 -1.31 18.59
CA ASP A 216 -15.59 -0.92 17.21
C ASP A 216 -14.11 -1.09 16.91
N SER A 217 -13.24 -0.74 17.87
CA SER A 217 -11.80 -0.95 17.67
C SER A 217 -11.47 -2.44 17.62
N TYR A 218 -12.13 -3.23 18.48
CA TYR A 218 -11.98 -4.68 18.45
C TYR A 218 -12.29 -5.24 17.09
N LYS A 219 -13.38 -4.76 16.46
CA LYS A 219 -13.75 -5.25 15.14
C LYS A 219 -12.65 -4.95 14.13
N ASP A 220 -12.10 -3.73 14.15
CA ASP A 220 -11.03 -3.39 13.21
C ASP A 220 -9.80 -4.26 13.41
N SER A 221 -9.36 -4.41 14.66
CA SER A 221 -8.13 -5.14 14.91
C SER A 221 -8.29 -6.61 14.59
N THR A 222 -9.43 -7.21 14.95
CA THR A 222 -9.63 -8.62 14.66
C THR A 222 -9.77 -8.88 13.16
N LEU A 223 -10.32 -7.93 12.40
CA LEU A 223 -10.39 -8.10 10.96
C LEU A 223 -9.00 -8.27 10.36
N ILE A 224 -8.05 -7.43 10.77
CA ILE A 224 -6.69 -7.52 10.22
C ILE A 224 -5.98 -8.73 10.78
N MET A 225 -6.25 -9.08 12.04
CA MET A 225 -5.67 -10.31 12.58
C MET A 225 -6.09 -11.50 11.74
N GLN A 226 -7.34 -11.50 11.26
CA GLN A 226 -7.78 -12.61 10.42
C GLN A 226 -7.02 -12.66 9.11
N LEU A 227 -6.71 -11.48 8.54
CA LEU A 227 -5.88 -11.46 7.33
C LEU A 227 -4.50 -12.04 7.60
N LEU A 228 -3.89 -11.72 8.74
CA LEU A 228 -2.62 -12.33 9.11
C LEU A 228 -2.77 -13.85 9.21
N ARG A 229 -3.84 -14.31 9.87
CA ARG A 229 -4.08 -15.74 10.01
C ARG A 229 -4.29 -16.40 8.65
N ASP A 230 -5.03 -15.75 7.75
CA ASP A 230 -5.24 -16.31 6.42
C ASP A 230 -3.91 -16.56 5.71
N ASN A 231 -2.98 -15.60 5.82
CA ASN A 231 -1.68 -15.78 5.21
C ASN A 231 -0.92 -16.91 5.89
N LEU A 232 -0.94 -16.95 7.22
CA LEU A 232 -0.25 -18.02 7.92
C LEU A 232 -0.78 -19.39 7.50
N THR A 233 -2.10 -19.50 7.33
CA THR A 233 -2.68 -20.78 6.89
C THR A 233 -2.21 -21.14 5.49
N LEU A 234 -2.07 -20.15 4.62
CA LEU A 234 -1.58 -20.42 3.27
C LEU A 234 -0.10 -20.79 3.27
N TRP A 235 0.69 -20.24 4.19
CA TRP A 235 2.14 -20.41 4.18
C TRP A 235 2.62 -21.59 5.02
N THR A 236 1.74 -22.23 5.77
CA THR A 236 2.17 -23.27 6.71
C THR A 236 1.29 -24.51 6.63
N ALA B 5 -0.69 -14.55 -1.18
CA ALA B 5 -1.05 -14.00 0.12
C ALA B 5 -1.68 -12.63 -0.03
N GLY B 6 -2.53 -12.26 0.91
CA GLY B 6 -3.24 -11.00 0.86
C GLY B 6 -2.57 -9.86 1.62
N SEP B 7 -2.53 -8.70 0.98
CA SEP B 7 -2.13 -7.47 1.64
CB SEP B 7 -1.30 -6.62 0.66
OG SEP B 7 -2.09 -6.40 -0.50
C SEP B 7 -3.36 -6.70 2.12
O SEP B 7 -4.51 -7.13 1.89
P SEP B 7 -1.33 -5.84 -1.82
O1P SEP B 7 -2.51 -5.68 -2.85
O2P SEP B 7 -0.28 -6.88 -2.30
O3P SEP B 7 -0.67 -4.47 -1.42
N ILE B 8 -3.16 -5.57 2.78
CA ILE B 8 -4.29 -4.82 3.33
C ILE B 8 -5.18 -4.29 2.22
N PRO B 9 -6.50 -4.37 2.36
CA PRO B 9 -7.40 -3.79 1.36
C PRO B 9 -7.47 -2.28 1.54
N GLY B 10 -8.03 -1.60 0.54
CA GLY B 10 -8.23 -0.17 0.66
C GLY B 10 -9.29 0.20 1.68
N ARG B 11 -10.37 -0.57 1.75
CA ARG B 11 -11.48 -0.34 2.67
C ARG B 11 -11.76 -1.61 3.44
N ARG B 12 -12.38 -1.43 4.61
CA ARG B 12 -12.68 -2.56 5.50
C ARG B 12 -13.44 -3.68 4.78
N SER B 13 -14.28 -3.35 3.80
CA SER B 13 -15.00 -4.38 3.05
C SER B 13 -14.03 -5.22 2.22
C04 UVE C . -9.09 -0.97 7.93
C05 UVE C . -9.46 -1.29 9.27
C06 UVE C . -9.68 -2.63 9.61
C07 UVE C . -9.57 -3.66 8.65
C08 UVE C . -9.23 -3.35 7.33
C09 UVE C . -8.99 -2.00 6.98
C11 UVE C . -8.22 -0.36 5.35
C12 UVE C . -9.00 0.64 6.17
C13 UVE C . -6.20 1.11 7.72
C14 UVE C . -5.77 1.93 6.69
C15 UVE C . -4.54 1.70 6.10
C16 UVE C . -3.76 0.65 6.57
C17 UVE C . -2.42 0.46 5.89
C19 UVE C . -4.20 -0.18 7.61
C20 UVE C . -5.43 0.05 8.19
N03 UVE C . -8.86 0.39 7.54
O01 UVE C . -7.87 1.27 9.84
O10 UVE C . -8.61 -1.70 5.58
O21 UVE C . -8.22 2.86 8.13
S02 UVE C . -7.84 1.46 8.39
CL CL D . 3.45 18.22 10.14
CL CL E . -15.33 17.42 -12.43
MG MG F . -8.41 27.55 -2.19
C1 PEG G . -12.28 1.98 5.69
O1 PEG G . -11.58 3.19 5.39
C2 PEG G . -13.71 2.04 5.29
O2 PEG G . -14.21 0.73 5.08
C3 PEG G . -15.44 0.73 4.38
C4 PEG G . -15.76 -0.67 3.93
O4 PEG G . -17.15 -0.82 3.68
H11 PEG G . -12.23 1.81 6.64
H12 PEG G . -11.85 1.25 5.20
HO1 PEG G . -12.06 3.88 5.46
H21 PEG G . -13.80 2.55 4.48
H22 PEG G . -14.23 2.47 6.00
H31 PEG G . -15.38 1.30 3.60
H32 PEG G . -16.15 1.04 4.97
H41 PEG G . -15.49 -1.29 4.63
H42 PEG G . -15.27 -0.86 3.11
HO4 PEG G . -17.46 -0.31 3.07
#